data_6FUH
#
_entry.id   6FUH
#
_cell.length_a   55.516
_cell.length_b   49.321
_cell.length_c   39.198
_cell.angle_alpha   90.00
_cell.angle_beta   106.16
_cell.angle_gamma   90.00
#
_symmetry.space_group_name_H-M   'P 1 21 1'
#
loop_
_entity.id
_entity.type
_entity.pdbx_description
1 polymer 'Complement factor D'
2 non-polymer '(2~{S})-2-[[4-[[3-(aminomethyl)phenyl]amino]quinazolin-2-yl]amino]-3-methyl-butanoic acid'
3 water water
#
_entity_poly.entity_id   1
_entity_poly.type   'polypeptide(L)'
_entity_poly.pdbx_seq_one_letter_code
;ILGGREAEAHARPYMASVQLNGAHLCGGVLVAEQWVLSAAHCLEDAADGKVQVLLGAHSLSQPEPSKRLYDVLRAVPHPD
SQPDTIDHDLLLLQLSEKATLGPAVRPLPWQRVDRDVAPGTLCDVAGWGIVNHAGRRPDSLQHVLLPVLDRATCNRRTHH
DGAITERLMCAESNRRDSCKGDSGGPLVCGGVLEGVVTSGSRVCGNRKKPGIYTRVASYAAWIDSVLASAAA
;
_entity_poly.pdbx_strand_id   A
#
loop_
_chem_comp.id
_chem_comp.type
_chem_comp.name
_chem_comp.formula
E88 non-polymer '(2~{S})-2-[[4-[[3-(aminomethyl)phenyl]amino]quinazolin-2-yl]amino]-3-methyl-butanoic acid' 'C20 H23 N5 O2'
#
# COMPACT_ATOMS: atom_id res chain seq x y z
N ILE A 1 9.74 5.34 -1.28
CA ILE A 1 9.96 4.91 -2.71
C ILE A 1 11.40 5.17 -3.07
N LEU A 2 12.17 4.15 -3.47
CA LEU A 2 13.47 4.35 -4.04
C LEU A 2 13.34 4.46 -5.53
N GLY A 3 14.20 5.34 -6.10
CA GLY A 3 14.34 5.46 -7.56
C GLY A 3 13.14 6.05 -8.30
N GLY A 4 12.31 6.74 -7.48
CA GLY A 4 11.09 7.33 -7.98
C GLY A 4 11.21 8.83 -8.28
N ARG A 5 10.04 9.47 -8.42
CA ARG A 5 9.98 10.90 -8.72
C ARG A 5 8.80 11.45 -7.95
N GLU A 6 8.78 12.76 -7.74
CA GLU A 6 7.59 13.40 -7.11
C GLU A 6 6.41 13.20 -7.88
N ALA A 7 5.33 12.70 -7.27
CA ALA A 7 4.08 12.48 -7.95
C ALA A 7 3.37 13.86 -8.21
N GLU A 8 2.55 13.89 -9.26
CA GLU A 8 1.64 15.06 -9.55
C GLU A 8 0.62 15.17 -8.37
N ALA A 9 0.62 16.31 -7.80
CA ALA A 9 -0.23 16.60 -6.58
C ALA A 9 -1.67 16.26 -6.87
N HIS A 10 -2.24 15.38 -6.03
CA HIS A 10 -3.64 15.01 -6.18
C HIS A 10 -4.09 14.16 -7.35
N ALA A 11 -3.11 13.63 -8.13
CA ALA A 11 -3.47 12.80 -9.26
C ALA A 11 -3.81 11.36 -8.89
N ARG A 12 -3.63 11.00 -7.60
CA ARG A 12 -4.01 9.65 -7.11
C ARG A 12 -4.88 9.97 -5.90
N PRO A 13 -6.14 10.26 -6.15
CA PRO A 13 -7.03 10.72 -5.09
C PRO A 13 -7.45 9.68 -4.08
N TYR A 14 -7.06 8.44 -4.34
CA TYR A 14 -7.30 7.29 -3.45
C TYR A 14 -6.16 7.17 -2.40
N MET A 15 -5.05 7.89 -2.60
CA MET A 15 -3.89 7.65 -1.74
C MET A 15 -4.12 8.14 -0.33
N ALA A 16 -3.76 7.35 0.65
CA ALA A 16 -3.86 7.70 2.06
C ALA A 16 -2.56 7.56 2.74
N SER A 17 -2.36 8.46 3.71
CA SER A 17 -1.23 8.32 4.69
C SER A 17 -1.78 7.83 6.05
N VAL A 18 -1.41 6.64 6.44
CA VAL A 18 -1.75 6.11 7.75
C VAL A 18 -0.75 6.68 8.71
N GLN A 19 -1.26 7.38 9.74
CA GLN A 19 -0.48 8.14 10.68
C GLN A 19 -0.61 7.54 12.10
N LEU A 20 0.52 7.59 12.81
CA LEU A 20 0.61 7.16 14.20
C LEU A 20 1.15 8.31 14.99
N ASN A 21 0.34 8.84 15.96
CA ASN A 21 0.86 9.96 16.77
C ASN A 21 1.35 11.10 15.90
N GLY A 22 0.48 11.39 14.74
CA GLY A 22 0.77 12.57 13.94
C GLY A 22 1.91 12.49 13.05
N ALA A 23 2.49 11.32 12.89
CA ALA A 23 3.57 11.09 11.87
C ALA A 23 3.10 10.03 10.85
N HIS A 24 3.58 10.23 9.63
CA HIS A 24 3.32 9.21 8.61
C HIS A 24 3.97 7.90 9.08
N LEU A 25 3.23 6.81 8.98
CA LEU A 25 3.68 5.47 9.23
C LEU A 25 3.68 4.59 8.00
N CYS A 26 2.52 4.48 7.36
CA CYS A 26 2.30 3.61 6.21
C CYS A 26 1.50 4.23 5.17
N GLY A 27 1.52 3.66 3.97
CA GLY A 27 0.53 3.97 2.98
C GLY A 27 -0.78 3.28 3.26
N GLY A 28 -1.77 3.70 2.50
CA GLY A 28 -3.07 3.09 2.44
C GLY A 28 -3.80 3.49 1.19
N VAL A 29 -5.00 2.92 1.00
CA VAL A 29 -5.80 3.23 -0.18
C VAL A 29 -7.25 3.33 0.18
N LEU A 30 -7.90 4.42 -0.18
CA LEU A 30 -9.32 4.56 0.03
C LEU A 30 -10.04 3.61 -0.91
N VAL A 31 -10.78 2.65 -0.36
CA VAL A 31 -11.49 1.63 -1.13
C VAL A 31 -13.00 1.74 -1.05
N ALA A 32 -13.52 2.55 -0.15
CA ALA A 32 -14.98 2.72 0.00
C ALA A 32 -15.07 4.11 0.63
N GLU A 33 -16.35 4.52 0.84
CA GLU A 33 -16.47 5.78 1.37
C GLU A 33 -15.92 6.00 2.80
N GLN A 34 -15.96 4.94 3.62
CA GLN A 34 -15.60 5.01 5.00
C GLN A 34 -14.47 4.05 5.36
N TRP A 35 -13.76 3.53 4.36
CA TRP A 35 -12.76 2.49 4.62
C TRP A 35 -11.49 2.66 3.81
N VAL A 36 -10.39 2.52 4.52
CA VAL A 36 -9.05 2.55 3.96
C VAL A 36 -8.37 1.21 4.14
N LEU A 37 -7.80 0.68 3.04
CA LEU A 37 -7.08 -0.60 3.12
C LEU A 37 -5.58 -0.37 3.24
N SER A 38 -4.95 -1.12 4.12
CA SER A 38 -3.51 -0.94 4.35
C SER A 38 -2.97 -2.34 4.76
N ALA A 39 -1.79 -2.34 5.38
CA ALA A 39 -1.12 -3.61 5.76
C ALA A 39 -1.23 -3.82 7.27
N ALA A 40 -1.45 -5.08 7.66
CA ALA A 40 -1.54 -5.38 9.12
C ALA A 40 -0.26 -5.16 9.86
N HIS A 41 0.88 -5.41 9.22
CA HIS A 41 2.13 -5.21 9.94
C HIS A 41 2.29 -3.74 10.35
N CYS A 42 1.64 -2.79 9.68
CA CYS A 42 1.71 -1.37 10.06
C CYS A 42 1.34 -1.18 11.50
N LEU A 43 0.34 -1.89 11.99
CA LEU A 43 -0.12 -1.60 13.37
C LEU A 43 0.25 -2.63 14.39
N GLU A 44 1.07 -3.57 13.97
CA GLU A 44 1.52 -4.69 14.83
C GLU A 44 1.86 -4.23 16.16
N ASP A 45 2.69 -3.19 16.16
CA ASP A 45 3.29 -2.74 17.42
C ASP A 45 2.69 -1.35 17.84
N ALA A 46 1.57 -0.88 17.28
CA ALA A 46 1.02 0.47 17.52
C ALA A 46 0.48 0.64 18.92
N ALA A 47 0.15 -0.46 19.60
CA ALA A 47 -0.43 -0.47 20.93
C ALA A 47 -1.61 0.50 20.95
N ASP A 48 -1.65 1.53 21.84
CA ASP A 48 -2.86 2.50 21.92
C ASP A 48 -2.48 3.91 21.46
N GLY A 49 -1.50 3.94 20.51
CA GLY A 49 -1.12 5.20 19.85
C GLY A 49 -2.31 5.69 19.04
N LYS A 50 -2.24 6.98 18.68
CA LYS A 50 -3.37 7.65 18.04
C LYS A 50 -3.19 7.31 16.49
N VAL A 51 -4.07 6.52 15.94
CA VAL A 51 -4.09 6.10 14.50
C VAL A 51 -5.09 6.92 13.70
N GLN A 52 -4.58 7.69 12.71
CA GLN A 52 -5.39 8.53 11.88
C GLN A 52 -5.06 8.32 10.41
N VAL A 53 -5.91 8.76 9.54
CA VAL A 53 -5.69 8.62 8.16
C VAL A 53 -5.79 10.00 7.48
N LEU A 54 -4.77 10.37 6.71
CA LEU A 54 -4.73 11.62 6.01
C LEU A 54 -5.13 11.42 4.57
N LEU A 55 -6.24 11.98 4.15
CA LEU A 55 -6.73 11.88 2.75
C LEU A 55 -6.51 13.25 2.10
N GLY A 56 -6.53 13.18 0.77
CA GLY A 56 -6.49 14.41 0.00
C GLY A 56 -5.19 15.14 -0.04
N ALA A 57 -4.09 14.46 0.33
CA ALA A 57 -2.82 15.11 0.56
C ALA A 57 -1.79 14.90 -0.52
N HIS A 58 -0.93 15.91 -0.63
CA HIS A 58 0.29 15.70 -1.42
C HIS A 58 1.42 15.93 -0.43
N SER A 59 1.53 17.13 0.13
CA SER A 59 2.49 17.46 1.16
C SER A 59 1.99 16.98 2.50
N LEU A 60 2.87 16.35 3.29
CA LEU A 60 2.49 15.97 4.66
C LEU A 60 2.39 17.22 5.56
N SER A 61 3.13 18.26 5.31
CA SER A 61 3.24 19.38 6.25
C SER A 61 2.46 20.58 5.92
N GLN A 62 2.20 20.83 4.68
CA GLN A 62 1.55 22.08 4.26
C GLN A 62 0.08 21.95 4.10
N PRO A 63 -0.65 23.01 4.34
CA PRO A 63 -2.08 22.93 4.19
C PRO A 63 -2.44 22.90 2.73
N GLU A 64 -3.50 22.19 2.41
CA GLU A 64 -4.02 22.03 1.09
C GLU A 64 -5.54 21.91 1.24
N PRO A 65 -6.29 22.46 0.30
CA PRO A 65 -7.78 22.55 0.48
C PRO A 65 -8.43 21.19 0.63
N SER A 66 -7.92 20.17 -0.07
CA SER A 66 -8.45 18.86 -0.04
C SER A 66 -7.92 17.95 1.10
N LYS A 67 -6.92 18.41 1.84
CA LYS A 67 -6.27 17.58 2.85
C LYS A 67 -7.13 17.54 4.10
N ARG A 68 -7.44 16.34 4.57
CA ARG A 68 -8.27 16.21 5.81
C ARG A 68 -7.75 15.00 6.54
N LEU A 69 -7.51 15.17 7.82
CA LEU A 69 -7.09 14.10 8.72
C LEU A 69 -8.31 13.51 9.36
N TYR A 70 -8.54 12.20 9.20
CA TYR A 70 -9.60 11.43 9.77
C TYR A 70 -9.17 10.61 10.95
N ASP A 71 -10.04 10.53 11.93
CA ASP A 71 -9.90 9.66 13.03
C ASP A 71 -10.41 8.23 12.59
N VAL A 72 -10.09 7.26 13.41
CA VAL A 72 -10.37 5.88 13.08
C VAL A 72 -11.29 5.25 14.10
N LEU A 73 -12.48 4.84 13.63
CA LEU A 73 -13.42 4.18 14.53
C LEU A 73 -13.00 2.82 14.85
N ARG A 74 -12.45 2.07 13.89
CA ARG A 74 -12.05 0.69 14.15
C ARG A 74 -10.89 0.31 13.19
N ALA A 75 -9.97 -0.47 13.69
CA ALA A 75 -8.89 -1.07 12.92
C ALA A 75 -9.09 -2.58 12.88
N VAL A 76 -9.15 -3.16 11.64
CA VAL A 76 -9.51 -4.59 11.43
C VAL A 76 -8.35 -5.26 10.71
N PRO A 77 -7.38 -5.76 11.43
CA PRO A 77 -6.34 -6.58 10.79
C PRO A 77 -6.96 -7.90 10.28
N HIS A 78 -6.38 -8.46 9.22
CA HIS A 78 -6.88 -9.77 8.80
C HIS A 78 -6.66 -10.76 9.88
N PRO A 79 -7.67 -11.63 10.14
CA PRO A 79 -7.49 -12.51 11.34
C PRO A 79 -6.34 -13.54 11.24
N ASP A 80 -5.89 -13.83 10.03
CA ASP A 80 -4.82 -14.80 9.90
C ASP A 80 -3.47 -14.12 9.77
N SER A 81 -3.41 -12.76 9.84
CA SER A 81 -2.09 -12.09 9.85
C SER A 81 -1.32 -12.37 11.16
N GLN A 82 0.00 -12.37 11.05
CA GLN A 82 0.88 -12.59 12.23
C GLN A 82 2.19 -11.85 12.01
N PRO A 83 2.80 -11.34 13.08
CA PRO A 83 4.10 -10.72 12.98
C PRO A 83 5.09 -11.70 12.38
N ASP A 84 6.04 -11.29 11.64
CA ASP A 84 6.91 -12.58 11.27
C ASP A 84 6.36 -13.70 10.37
N THR A 85 5.13 -13.52 9.84
CA THR A 85 4.82 -14.18 8.59
C THR A 85 4.57 -13.11 7.53
N ILE A 86 4.63 -13.52 6.27
CA ILE A 86 4.31 -12.60 5.13
C ILE A 86 2.86 -12.61 4.62
N ASP A 87 2.11 -13.57 5.12
CA ASP A 87 0.84 -13.89 4.55
C ASP A 87 -0.31 -13.08 5.14
N HIS A 88 -1.30 -12.88 4.37
CA HIS A 88 -2.52 -12.20 4.88
C HIS A 88 -2.30 -10.79 5.44
N ASP A 89 -1.38 -10.05 4.85
CA ASP A 89 -0.96 -8.82 5.44
C ASP A 89 -1.84 -7.65 5.03
N LEU A 90 -3.08 -7.68 5.43
CA LEU A 90 -4.09 -6.63 5.10
C LEU A 90 -4.73 -6.10 6.39
N LEU A 91 -5.11 -4.86 6.30
CA LEU A 91 -5.70 -4.16 7.44
C LEU A 91 -6.74 -3.22 6.85
N LEU A 92 -7.97 -3.21 7.42
CA LEU A 92 -8.99 -2.30 7.01
C LEU A 92 -9.23 -1.36 8.17
N LEU A 93 -9.18 -0.05 7.84
CA LEU A 93 -9.45 1.09 8.78
C LEU A 93 -10.79 1.71 8.45
N GLN A 94 -11.70 1.71 9.45
CA GLN A 94 -12.98 2.37 9.28
C GLN A 94 -12.82 3.77 9.84
N LEU A 95 -12.99 4.74 8.93
CA LEU A 95 -12.91 6.18 9.36
C LEU A 95 -14.10 6.51 10.33
N SER A 96 -13.92 7.55 11.14
CA SER A 96 -14.98 7.92 12.03
C SER A 96 -16.22 8.53 11.35
N GLU A 97 -16.08 8.97 10.12
CA GLU A 97 -17.18 9.29 9.27
C GLU A 97 -16.80 9.12 7.84
N LYS A 98 -17.76 9.10 6.98
CA LYS A 98 -17.52 9.01 5.57
C LYS A 98 -16.60 10.10 5.16
N ALA A 99 -15.67 9.78 4.23
CA ALA A 99 -14.80 10.78 3.68
C ALA A 99 -15.57 11.73 2.81
N THR A 100 -15.19 12.97 2.85
CA THR A 100 -15.74 13.97 1.90
C THR A 100 -15.06 13.77 0.54
N LEU A 101 -15.83 13.36 -0.47
CA LEU A 101 -15.27 13.12 -1.76
C LEU A 101 -15.19 14.34 -2.61
N GLY A 102 -14.35 14.25 -3.61
CA GLY A 102 -14.12 15.33 -4.56
C GLY A 102 -13.05 14.91 -5.53
N PRO A 103 -12.63 15.85 -6.35
CA PRO A 103 -11.57 15.52 -7.32
C PRO A 103 -10.21 15.03 -6.73
N ALA A 104 -9.94 15.32 -5.46
CA ALA A 104 -8.73 14.96 -4.80
C ALA A 104 -8.94 13.86 -3.77
N VAL A 105 -10.15 13.39 -3.59
CA VAL A 105 -10.44 12.33 -2.62
C VAL A 105 -11.45 11.43 -3.32
N ARG A 106 -11.05 10.20 -3.68
CA ARG A 106 -11.99 9.30 -4.38
C ARG A 106 -11.57 7.86 -4.15
N PRO A 107 -12.46 6.96 -3.86
CA PRO A 107 -12.04 5.56 -3.72
C PRO A 107 -11.54 4.98 -5.03
N LEU A 108 -10.58 4.04 -4.94
CA LEU A 108 -10.09 3.41 -6.12
C LEU A 108 -10.82 2.10 -6.28
N PRO A 109 -11.41 1.87 -7.50
CA PRO A 109 -11.92 0.49 -7.79
C PRO A 109 -10.87 -0.57 -7.60
N TRP A 110 -11.23 -1.73 -7.10
CA TRP A 110 -10.27 -2.78 -6.82
C TRP A 110 -10.68 -4.09 -7.44
N GLN A 111 -9.66 -4.90 -7.75
CA GLN A 111 -9.77 -6.13 -8.50
C GLN A 111 -10.47 -7.22 -7.74
N ARG A 112 -11.62 -7.72 -8.29
CA ARG A 112 -12.26 -8.83 -7.74
C ARG A 112 -12.06 -10.09 -8.55
N VAL A 113 -11.55 -10.00 -9.75
CA VAL A 113 -11.32 -11.20 -10.53
C VAL A 113 -10.00 -11.79 -10.18
N ASP A 114 -10.05 -13.03 -9.68
CA ASP A 114 -8.88 -13.72 -9.13
C ASP A 114 -8.12 -14.45 -10.21
N ARG A 115 -7.28 -13.69 -10.91
CA ARG A 115 -6.42 -14.17 -11.96
C ARG A 115 -5.20 -13.28 -11.92
N ASP A 116 -4.07 -13.83 -12.35
CA ASP A 116 -2.86 -13.05 -12.36
C ASP A 116 -2.88 -12.03 -13.47
N VAL A 117 -2.23 -10.90 -13.13
CA VAL A 117 -1.86 -9.82 -14.16
C VAL A 117 -0.83 -10.42 -15.16
N ALA A 118 -0.81 -9.96 -16.38
CA ALA A 118 0.19 -10.35 -17.33
C ALA A 118 1.58 -9.99 -16.82
N PRO A 119 2.54 -10.91 -17.08
CA PRO A 119 3.94 -10.55 -16.73
C PRO A 119 4.35 -9.28 -17.36
N GLY A 120 5.05 -8.44 -16.65
CA GLY A 120 5.54 -7.15 -17.12
C GLY A 120 4.64 -6.01 -17.16
N THR A 121 3.39 -6.24 -16.80
CA THR A 121 2.40 -5.14 -16.71
C THR A 121 3.02 -4.05 -15.85
N LEU A 122 2.96 -2.82 -16.34
CA LEU A 122 3.54 -1.66 -15.68
C LEU A 122 2.52 -1.13 -14.66
N CYS A 123 2.82 -1.29 -13.36
CA CYS A 123 1.93 -0.86 -12.32
C CYS A 123 2.57 0.25 -11.50
N ASP A 124 1.72 1.06 -10.92
CA ASP A 124 2.13 2.29 -10.26
C ASP A 124 2.07 2.05 -8.75
N VAL A 125 3.16 2.39 -8.04
CA VAL A 125 3.24 2.32 -6.61
C VAL A 125 3.64 3.72 -6.13
N ALA A 126 2.92 4.23 -5.14
CA ALA A 126 3.18 5.56 -4.60
C ALA A 126 3.31 5.47 -3.09
N GLY A 127 4.00 6.47 -2.49
CA GLY A 127 4.10 6.51 -1.09
C GLY A 127 5.02 7.61 -0.54
N TRP A 128 4.95 7.80 0.74
CA TRP A 128 5.78 8.75 1.48
C TRP A 128 6.88 8.08 2.24
N GLY A 129 7.29 6.84 1.83
CA GLY A 129 8.38 6.17 2.44
C GLY A 129 9.74 6.71 2.08
N ILE A 130 10.78 6.11 2.62
CA ILE A 130 12.08 6.65 2.46
C ILE A 130 12.54 6.66 1.01
N VAL A 131 13.40 7.60 0.66
CA VAL A 131 13.79 7.84 -0.74
C VAL A 131 15.27 7.58 -1.00
N ASN A 132 16.06 7.21 -0.03
CA ASN A 132 17.44 6.84 -0.25
C ASN A 132 17.91 5.91 0.80
N HIS A 133 19.16 5.44 0.67
CA HIS A 133 19.67 4.44 1.65
C HIS A 133 19.93 5.04 3.05
N ALA A 134 20.13 6.31 3.11
CA ALA A 134 20.32 7.01 4.40
C ALA A 134 19.04 7.09 5.23
N GLY A 135 17.84 6.90 4.48
CA GLY A 135 16.56 7.02 5.15
C GLY A 135 15.88 8.40 5.08
N ARG A 136 16.20 9.27 4.15
CA ARG A 136 15.51 10.48 4.02
C ARG A 136 14.06 10.30 3.80
N ARG A 137 13.19 11.05 4.52
CA ARG A 137 11.76 11.02 4.39
C ARG A 137 11.31 12.18 3.63
N PRO A 138 10.55 11.99 2.50
CA PRO A 138 10.07 13.09 1.68
C PRO A 138 8.90 13.76 2.28
N ASP A 139 8.76 15.08 2.07
CA ASP A 139 7.53 15.73 2.46
C ASP A 139 6.39 15.36 1.61
N SER A 140 6.57 15.10 0.31
CA SER A 140 5.51 14.91 -0.63
C SER A 140 5.50 13.53 -1.23
N LEU A 141 4.37 13.20 -1.79
CA LEU A 141 4.13 11.86 -2.32
C LEU A 141 5.06 11.61 -3.48
N GLN A 142 5.67 10.42 -3.49
CA GLN A 142 6.54 9.95 -4.53
C GLN A 142 5.90 8.75 -5.25
N HIS A 143 6.40 8.42 -6.45
CA HIS A 143 5.87 7.21 -7.07
C HIS A 143 6.88 6.62 -8.05
N VAL A 144 6.64 5.37 -8.39
CA VAL A 144 7.44 4.69 -9.40
C VAL A 144 6.57 3.71 -10.12
N LEU A 145 6.92 3.48 -11.36
CA LEU A 145 6.24 2.47 -12.23
C LEU A 145 7.10 1.24 -12.18
N LEU A 146 6.49 0.10 -11.91
CA LEU A 146 7.23 -1.17 -11.79
C LEU A 146 6.57 -2.24 -12.53
N PRO A 147 7.36 -2.98 -13.31
CA PRO A 147 6.80 -4.09 -14.05
C PRO A 147 6.52 -5.32 -13.13
N VAL A 148 5.38 -5.98 -13.30
CA VAL A 148 5.04 -7.22 -12.58
C VAL A 148 6.01 -8.34 -12.94
N LEU A 149 6.50 -9.03 -11.94
CA LEU A 149 7.45 -10.09 -12.13
C LEU A 149 6.68 -11.42 -11.92
N ASP A 150 6.69 -12.34 -12.89
CA ASP A 150 6.00 -13.57 -12.81
C ASP A 150 6.40 -14.36 -11.50
N ARG A 151 5.40 -15.11 -11.01
CA ARG A 151 5.57 -15.72 -9.70
C ARG A 151 6.73 -16.79 -9.73
N ALA A 152 6.83 -17.53 -10.84
CA ALA A 152 7.94 -18.50 -10.90
C ALA A 152 9.29 -17.88 -10.77
N THR A 153 9.59 -16.72 -11.42
CA THR A 153 10.86 -16.12 -11.19
C THR A 153 11.02 -15.70 -9.71
N CYS A 154 9.94 -15.11 -9.22
CA CYS A 154 9.94 -14.59 -7.88
C CYS A 154 10.17 -15.69 -6.81
N ASN A 155 9.80 -16.91 -7.14
CA ASN A 155 9.94 -18.10 -6.27
C ASN A 155 11.25 -18.87 -6.47
N ARG A 156 12.12 -18.40 -7.35
CA ARG A 156 13.41 -19.05 -7.48
C ARG A 156 14.15 -19.02 -6.20
N ARG A 157 15.07 -19.99 -6.07
CA ARG A 157 15.85 -20.11 -4.83
C ARG A 157 16.70 -18.82 -4.66
N THR A 158 17.17 -18.19 -5.77
CA THR A 158 17.91 -16.97 -5.75
C THR A 158 17.08 -15.77 -5.37
N HIS A 159 15.73 -15.93 -5.40
CA HIS A 159 14.80 -14.84 -5.15
C HIS A 159 14.15 -15.11 -3.88
N HIS A 160 12.80 -15.32 -3.82
CA HIS A 160 12.07 -15.57 -2.60
C HIS A 160 11.86 -17.06 -2.30
N ASP A 161 12.49 -17.93 -3.02
CA ASP A 161 12.63 -19.36 -2.59
C ASP A 161 11.33 -19.99 -2.10
N GLY A 162 10.32 -19.94 -2.97
CA GLY A 162 9.10 -20.68 -2.72
C GLY A 162 8.04 -20.00 -1.81
N ALA A 163 8.36 -18.80 -1.30
CA ALA A 163 7.44 -18.17 -0.31
C ALA A 163 6.29 -17.42 -1.00
N ILE A 164 6.29 -17.22 -2.31
CA ILE A 164 5.23 -16.46 -2.99
C ILE A 164 4.10 -17.41 -3.31
N THR A 165 3.04 -17.36 -2.50
CA THR A 165 1.82 -18.10 -2.69
C THR A 165 0.98 -17.52 -3.85
N GLU A 166 -0.10 -18.18 -4.23
CA GLU A 166 -1.02 -17.65 -5.21
C GLU A 166 -1.71 -16.36 -4.77
N ARG A 167 -1.69 -16.10 -3.45
CA ARG A 167 -2.32 -14.87 -2.93
C ARG A 167 -1.38 -13.66 -2.93
N LEU A 168 -0.16 -13.83 -3.41
CA LEU A 168 0.84 -12.77 -3.46
C LEU A 168 1.26 -12.60 -4.93
N MET A 169 1.77 -11.40 -5.19
CA MET A 169 2.37 -11.12 -6.52
C MET A 169 3.65 -10.31 -6.27
N CYS A 170 4.50 -10.32 -7.31
CA CYS A 170 5.78 -9.59 -7.21
C CYS A 170 5.87 -8.51 -8.32
N ALA A 171 6.77 -7.58 -8.04
CA ALA A 171 7.17 -6.60 -9.08
C ALA A 171 8.68 -6.49 -8.98
N GLU A 172 9.28 -6.03 -10.08
CA GLU A 172 10.71 -5.88 -10.09
C GLU A 172 11.14 -4.83 -9.04
N SER A 173 12.35 -5.03 -8.51
CA SER A 173 12.91 -4.20 -7.45
C SER A 173 14.34 -3.78 -7.78
N ASN A 174 14.65 -3.56 -9.06
CA ASN A 174 16.04 -3.28 -9.39
C ASN A 174 16.27 -1.81 -9.22
N ARG A 175 16.73 -1.45 -8.01
CA ARG A 175 17.08 -0.08 -7.63
C ARG A 175 15.77 0.73 -7.45
N ARG A 176 14.83 0.71 -8.42
CA ARG A 176 13.49 1.32 -8.17
C ARG A 176 12.66 0.31 -7.32
N ASP A 177 11.99 0.78 -6.27
CA ASP A 177 11.29 -0.13 -5.34
C ASP A 177 10.44 0.63 -4.25
N SER A 178 9.49 -0.05 -3.76
CA SER A 178 8.86 0.37 -2.50
C SER A 178 9.81 0.16 -1.37
N CYS A 179 9.69 0.93 -0.26
CA CYS A 179 10.55 0.82 0.86
C CYS A 179 9.85 1.22 2.13
N LYS A 180 10.67 1.32 3.20
CA LYS A 180 10.14 1.51 4.51
C LYS A 180 9.29 2.80 4.51
N GLY A 181 8.10 2.74 5.05
CA GLY A 181 7.07 3.76 4.97
C GLY A 181 6.09 3.68 3.85
N ASP A 182 6.32 2.78 2.89
CA ASP A 182 5.47 2.54 1.77
C ASP A 182 4.54 1.35 1.93
N SER A 183 4.78 0.50 2.94
CA SER A 183 3.93 -0.67 3.08
C SER A 183 2.46 -0.22 3.29
N GLY A 184 1.47 -1.03 2.85
CA GLY A 184 0.11 -0.65 2.93
C GLY A 184 -0.45 0.12 1.78
N GLY A 185 0.51 0.69 0.99
CA GLY A 185 0.07 1.43 -0.11
C GLY A 185 -0.33 0.58 -1.35
N PRO A 186 -0.83 1.25 -2.34
CA PRO A 186 -1.46 0.57 -3.47
C PRO A 186 -0.43 0.27 -4.59
N LEU A 187 -0.65 -0.89 -5.20
CA LEU A 187 -0.06 -1.29 -6.49
C LEU A 187 -1.21 -1.24 -7.47
N VAL A 188 -1.19 -0.29 -8.40
CA VAL A 188 -2.35 0.01 -9.28
C VAL A 188 -1.90 -0.42 -10.69
N CYS A 189 -2.71 -1.29 -11.32
CA CYS A 189 -2.36 -1.83 -12.64
C CYS A 189 -3.64 -1.63 -13.51
N GLY A 190 -3.43 -1.10 -14.69
CA GLY A 190 -4.59 -0.86 -15.60
C GLY A 190 -5.67 -0.04 -14.95
N GLY A 191 -5.25 1.02 -13.95
CA GLY A 191 -6.22 1.85 -13.26
C GLY A 191 -7.04 1.21 -12.14
N VAL A 192 -6.74 -0.02 -11.82
CA VAL A 192 -7.46 -0.74 -10.76
CA VAL A 192 -7.48 -0.73 -10.73
C VAL A 192 -6.46 -1.20 -9.70
N LEU A 193 -6.90 -1.21 -8.44
CA LEU A 193 -6.04 -1.70 -7.34
C LEU A 193 -5.87 -3.22 -7.50
N GLU A 194 -4.61 -3.65 -7.65
CA GLU A 194 -4.28 -5.08 -7.71
C GLU A 194 -3.63 -5.59 -6.49
N GLY A 195 -2.76 -4.82 -5.91
CA GLY A 195 -2.01 -5.28 -4.79
C GLY A 195 -1.83 -4.26 -3.70
N VAL A 196 -1.44 -4.72 -2.51
CA VAL A 196 -1.09 -3.83 -1.40
C VAL A 196 0.40 -4.12 -1.04
N VAL A 197 1.20 -3.07 -0.92
CA VAL A 197 2.62 -3.28 -0.58
C VAL A 197 2.70 -4.05 0.72
N THR A 198 3.55 -5.09 0.81
CA THR A 198 3.89 -5.65 2.04
C THR A 198 5.44 -5.51 2.28
N SER A 199 5.81 -5.44 3.53
CA SER A 199 7.23 -5.41 4.04
C SER A 199 7.69 -6.70 4.38
N GLY A 200 6.94 -7.74 4.06
CA GLY A 200 7.36 -9.11 4.51
C GLY A 200 8.82 -9.40 4.23
N SER A 201 9.28 -9.02 3.07
CA SER A 201 10.70 -9.07 2.80
C SER A 201 11.15 -7.57 2.84
N ARG A 202 11.98 -7.26 3.82
CA ARG A 202 12.22 -5.86 4.20
C ARG A 202 13.23 -5.16 3.29
N VAL A 203 14.17 -5.85 2.58
CA VAL A 203 15.17 -5.13 1.79
C VAL A 203 14.59 -4.35 0.59
N CYS A 204 15.18 -3.22 0.27
CA CYS A 204 14.70 -2.29 -0.71
C CYS A 204 15.75 -2.13 -1.83
N GLY A 205 15.30 -2.31 -3.08
CA GLY A 205 16.05 -2.05 -4.25
C GLY A 205 17.02 -3.14 -4.72
N ASN A 206 16.91 -4.32 -4.16
CA ASN A 206 17.81 -5.53 -4.48
C ASN A 206 16.92 -6.27 -5.49
N ARG A 207 17.41 -6.31 -6.74
CA ARG A 207 16.68 -7.13 -7.76
C ARG A 207 16.43 -8.57 -7.47
N LYS A 208 17.29 -9.20 -6.64
CA LYS A 208 17.04 -10.61 -6.26
C LYS A 208 16.12 -10.78 -5.12
N LYS A 209 15.53 -9.67 -4.64
CA LYS A 209 14.49 -9.75 -3.57
C LYS A 209 13.33 -8.81 -4.01
N PRO A 210 12.60 -9.25 -5.02
CA PRO A 210 11.50 -8.44 -5.62
C PRO A 210 10.53 -7.95 -4.53
N GLY A 211 9.91 -6.84 -4.91
CA GLY A 211 8.74 -6.42 -4.17
C GLY A 211 7.66 -7.46 -4.12
N ILE A 212 7.06 -7.60 -2.90
CA ILE A 212 5.95 -8.47 -2.66
C ILE A 212 4.70 -7.62 -2.40
N TYR A 213 3.59 -8.00 -3.02
CA TYR A 213 2.36 -7.28 -2.87
C TYR A 213 1.26 -8.31 -2.66
N THR A 214 0.34 -7.95 -1.74
CA THR A 214 -0.78 -8.84 -1.41
C THR A 214 -1.86 -8.68 -2.46
N ARG A 215 -2.39 -9.73 -3.05
CA ARG A 215 -3.32 -9.64 -4.14
C ARG A 215 -4.71 -9.37 -3.53
N VAL A 216 -5.29 -8.20 -3.78
CA VAL A 216 -6.62 -7.90 -3.24
C VAL A 216 -7.65 -8.89 -3.72
N ALA A 217 -7.58 -9.34 -4.96
CA ALA A 217 -8.64 -10.21 -5.45
C ALA A 217 -8.74 -11.47 -4.65
N SER A 218 -7.57 -11.92 -4.12
CA SER A 218 -7.50 -13.14 -3.30
C SER A 218 -8.24 -13.04 -1.99
N TYR A 219 -8.48 -11.81 -1.57
CA TYR A 219 -9.09 -11.51 -0.29
C TYR A 219 -10.43 -10.77 -0.47
N ALA A 220 -11.05 -10.92 -1.68
CA ALA A 220 -12.30 -10.14 -2.03
C ALA A 220 -13.36 -10.34 -1.01
N ALA A 221 -13.59 -11.60 -0.65
CA ALA A 221 -14.78 -11.96 0.20
C ALA A 221 -14.46 -11.36 1.60
N TRP A 222 -13.22 -11.40 2.09
CA TRP A 222 -12.85 -10.79 3.36
C TRP A 222 -13.06 -9.24 3.34
N ILE A 223 -12.60 -8.59 2.30
CA ILE A 223 -12.83 -7.17 2.17
C ILE A 223 -14.33 -6.86 2.18
N ASP A 224 -15.06 -7.61 1.35
CA ASP A 224 -16.52 -7.37 1.30
C ASP A 224 -17.10 -7.55 2.61
N SER A 225 -16.75 -8.57 3.34
CA SER A 225 -17.40 -8.85 4.66
C SER A 225 -17.14 -7.73 5.58
N VAL A 226 -15.91 -7.32 5.69
CA VAL A 226 -15.57 -6.26 6.68
C VAL A 226 -16.26 -4.92 6.25
N LEU A 227 -16.15 -4.59 4.96
CA LEU A 227 -16.82 -3.35 4.48
C LEU A 227 -18.23 -3.21 4.84
N ALA A 228 -18.98 -4.31 4.75
CA ALA A 228 -20.37 -4.35 5.00
C ALA A 228 -20.67 -4.60 6.45
N1 E88 B . 8.15 -1.60 8.11
C5 E88 B . 5.68 -1.47 8.25
C7 E88 B . 5.63 -2.80 9.01
C15 E88 B . 6.97 -0.15 6.50
C21 E88 B . 11.66 -1.68 7.89
C22 E88 B . 11.88 -1.84 6.50
C28 E88 B . 10.37 -3.06 2.21
O17 E88 B . 7.62 0.79 6.97
O16 E88 B . 6.33 -0.17 5.40
C3 E88 B . 6.91 -1.43 7.32
C11 E88 B . 5.70 -0.24 9.19
C19 E88 B . 9.38 -1.73 7.60
N24 E88 B . 9.50 -1.93 6.23
C23 E88 B . 10.76 -2.00 5.69
C43 E88 B . 13.22 -1.92 6.02
C45 E88 B . 14.26 -1.72 6.93
C47 E88 B . 14.06 -1.69 8.32
C49 E88 B . 12.74 -1.65 8.82
N20 E88 B . 10.43 -1.58 8.38
N25 E88 B . 10.88 -2.26 4.39
C27 E88 B . 9.96 -2.36 3.29
C35 E88 B . 8.71 -1.75 3.31
C33 E88 B . 7.87 -1.87 2.21
C31 E88 B . 8.29 -2.52 1.07
C30 E88 B . 9.50 -3.23 1.08
C37 E88 B . 10.08 -3.98 -0.08
N40 E88 B . 9.75 -3.70 -1.52
#